data_6HHI
#
_entry.id   6HHI
#
_cell.length_a   70.170
_cell.length_b   70.960
_cell.length_c   91.110
_cell.angle_alpha   90.00
_cell.angle_beta   90.00
_cell.angle_gamma   90.00
#
_symmetry.space_group_name_H-M   'P 21 21 21'
#
loop_
_entity.id
_entity.type
_entity.pdbx_description
1 polymer 'RAC-alpha serine/threonine-protein kinase'
2 non-polymer ~{N}-[1-[[4-(5-oxidanylidene-3-phenyl-6~{H}-1,6-naphthyridin-2-yl)phenyl]methyl]piperidin-4-yl]-3-(propanoylamino)benzamide
3 water water
#
_entity_poly.entity_id   1
_entity_poly.type   'polypeptide(L)'
_entity_poly.pdbx_seq_one_letter_code
;GSDVAIVKEGWLHKRGEYIKTWRPRYFLLKNDGTFIGYKERPQDVDQREAPLNNFSVAQCQLMKTERPRPNTFIIRCLQW
TTVIERTFHVETPEEREEWTTAIQTVADGLKKQAAAEMDFRSGSPSDNSGAEEMEVSLAKPKHRVTMNEFEYLKLLGKGT
FGKVILVKEKATGRYYAMKILKKEVIVAKDEVAHTLTENRVLQNSRHPFLTALKYSFQTHDRLCFVMEYANGGELFFHLS
RERVFSEDRARFYGAEIVSALDYLHSEKNVVYRDLKLENLMLDKDGHIKITDFGLCKEGIKDGATMKTFCGTPEYLAPEV
LEDNDYGRAVDWWGLGVVMYEMMCGRLPFYNQDHEKLFELILMEEIRFPRTLGPEAKSLLSGLLKKDPKQRLGGGSEDAK
EIMQHRFFAGIVWQHVYEKKLSPPFKPQVTSETDTRYFDEEFTAQM
;
_entity_poly.pdbx_strand_id   A
#
loop_
_chem_comp.id
_chem_comp.type
_chem_comp.name
_chem_comp.formula
G4N non-polymer ~{N}-[1-[[4-(5-oxidanylidene-3-phenyl-6~{H}-1,6-naphthyridin-2-yl)phenyl]methyl]piperidin-4-yl]-3-(propanoylamino)benzamide 'C36 H35 N5 O3'
#
# COMPACT_ATOMS: atom_id res chain seq x y z
N ASP A 3 3.39 23.44 -18.52
CA ASP A 3 2.08 23.83 -18.03
C ASP A 3 1.98 23.60 -16.52
N VAL A 4 2.74 22.63 -16.02
CA VAL A 4 2.75 22.31 -14.60
C VAL A 4 3.29 23.47 -13.77
N ALA A 5 2.43 24.11 -13.00
CA ALA A 5 2.82 25.27 -12.22
C ALA A 5 2.35 25.20 -10.77
N ILE A 6 3.03 25.92 -9.90
CA ILE A 6 2.66 25.98 -8.50
C ILE A 6 1.60 27.04 -8.26
N VAL A 7 0.40 26.61 -7.90
CA VAL A 7 -0.71 27.52 -7.65
C VAL A 7 -0.59 28.19 -6.29
N LYS A 8 -0.27 27.40 -5.27
CA LYS A 8 -0.15 27.93 -3.92
C LYS A 8 0.81 27.10 -3.08
N GLU A 9 1.62 27.78 -2.27
CA GLU A 9 2.58 27.10 -1.41
C GLU A 9 2.71 27.80 -0.07
N GLY A 10 3.13 27.05 0.94
CA GLY A 10 3.29 27.59 2.28
C GLY A 10 3.40 26.51 3.34
N TRP A 11 3.69 26.94 4.57
CA TRP A 11 3.83 26.01 5.69
C TRP A 11 2.48 25.59 6.25
N LEU A 12 2.31 24.28 6.43
CA LEU A 12 1.11 23.76 7.06
C LEU A 12 1.47 22.90 8.26
N HIS A 13 0.46 22.54 9.04
CA HIS A 13 0.63 21.54 10.09
C HIS A 13 -0.12 20.28 9.71
N LYS A 14 0.60 19.31 9.16
CA LYS A 14 0.00 18.05 8.75
C LYS A 14 0.03 17.06 9.91
N ARG A 15 -1.09 16.40 10.16
CA ARG A 15 -1.12 15.36 11.17
C ARG A 15 -0.47 14.10 10.62
N GLY A 16 0.44 13.52 11.40
CA GLY A 16 1.13 12.30 11.00
C GLY A 16 0.18 11.20 10.59
N GLU A 17 0.51 10.55 9.48
CA GLU A 17 -0.37 9.54 8.91
C GLU A 17 -0.30 8.23 9.68
N TYR A 18 0.77 8.06 10.45
CA TYR A 18 0.94 6.85 11.25
C TYR A 18 1.28 7.18 12.69
N ILE A 19 1.98 8.29 12.89
CA ILE A 19 2.16 8.84 14.22
C ILE A 19 1.37 10.13 14.30
N LYS A 20 0.14 10.04 14.79
CA LYS A 20 -0.80 11.15 14.71
C LYS A 20 -0.41 12.33 15.60
N THR A 21 0.74 12.92 15.28
CA THR A 21 1.19 14.16 15.89
C THR A 21 1.27 15.20 14.78
N TRP A 22 1.23 16.47 15.16
CA TRP A 22 1.27 17.55 14.18
C TRP A 22 2.72 17.84 13.78
N ARG A 23 2.94 17.95 12.47
CA ARG A 23 4.28 18.21 11.95
C ARG A 23 4.24 19.34 10.95
N PRO A 24 5.16 20.31 11.10
CA PRO A 24 5.28 21.40 10.13
C PRO A 24 5.83 20.90 8.80
N ARG A 25 5.06 21.04 7.73
CA ARG A 25 5.51 20.62 6.41
C ARG A 25 5.22 21.69 5.37
N TYR A 26 6.21 21.99 4.54
CA TYR A 26 6.01 22.96 3.47
C TYR A 26 5.29 22.27 2.32
N PHE A 27 4.09 22.72 2.03
CA PHE A 27 3.28 22.06 1.01
C PHE A 27 3.24 22.81 -0.31
N LEU A 28 3.40 22.07 -1.40
CA LEU A 28 3.28 22.62 -2.75
C LEU A 28 2.00 22.14 -3.39
N LEU A 29 1.18 23.08 -3.83
CA LEU A 29 -0.02 22.78 -4.60
C LEU A 29 0.25 23.10 -6.07
N LYS A 30 0.02 22.14 -6.95
CA LYS A 30 0.28 22.33 -8.38
C LYS A 30 -1.01 22.17 -9.19
N ASN A 31 -1.02 22.73 -10.39
CA ASN A 31 -2.20 22.70 -11.24
C ASN A 31 -2.54 21.31 -11.78
N ASP A 32 -1.57 20.39 -11.68
CA ASP A 32 -1.83 19.01 -12.08
C ASP A 32 -2.63 18.29 -11.00
N GLY A 33 -2.71 18.89 -9.82
CA GLY A 33 -3.50 18.36 -8.74
C GLY A 33 -2.70 17.71 -7.63
N THR A 34 -1.38 17.75 -7.75
CA THR A 34 -0.51 17.18 -6.75
C THR A 34 -0.36 18.09 -5.53
N PHE A 35 -0.61 17.53 -4.35
CA PHE A 35 -0.45 18.26 -3.11
C PHE A 35 0.59 17.56 -2.26
N ILE A 36 1.84 17.98 -2.40
CA ILE A 36 2.95 17.31 -1.74
C ILE A 36 3.50 18.16 -0.59
N GLY A 37 3.85 17.50 0.51
CA GLY A 37 4.45 18.17 1.64
C GLY A 37 5.90 17.74 1.84
N TYR A 38 6.75 18.68 2.23
CA TYR A 38 8.17 18.41 2.44
C TYR A 38 8.60 18.83 3.83
N LYS A 39 9.64 18.19 4.35
CA LYS A 39 10.19 18.54 5.66
C LYS A 39 10.77 19.94 5.62
N GLU A 40 11.50 20.25 4.55
CA GLU A 40 12.06 21.59 4.36
C GLU A 40 11.63 22.12 3.00
N ARG A 41 11.70 23.43 2.82
CA ARG A 41 11.38 24.04 1.54
C ARG A 41 12.33 23.53 0.47
N PRO A 42 11.80 22.80 -0.51
CA PRO A 42 12.64 22.20 -1.57
C PRO A 42 13.11 23.22 -2.59
N GLN A 43 14.41 23.26 -2.87
CA GLN A 43 14.94 24.15 -3.88
C GLN A 43 14.50 23.70 -5.27
N ASP A 44 14.54 22.38 -5.48
CA ASP A 44 14.13 21.76 -6.74
C ASP A 44 14.86 22.33 -7.94
N ARG A 48 9.56 10.97 -8.48
CA ARG A 48 9.82 11.22 -9.89
C ARG A 48 8.99 12.39 -10.41
N GLU A 49 9.27 12.81 -11.64
CA GLU A 49 8.55 13.92 -12.26
C GLU A 49 7.16 13.49 -12.70
N ALA A 50 7.00 12.20 -12.99
CA ALA A 50 5.67 11.66 -13.27
C ALA A 50 4.81 11.77 -12.02
N PRO A 51 3.65 12.43 -12.14
CA PRO A 51 2.78 12.70 -10.99
C PRO A 51 2.25 11.44 -10.34
N LEU A 52 2.41 11.35 -9.01
CA LEU A 52 1.84 10.25 -8.27
C LEU A 52 0.42 10.61 -7.81
N ASN A 53 -0.52 9.72 -8.08
CA ASN A 53 -1.91 9.98 -7.76
C ASN A 53 -2.21 9.89 -6.26
N ASN A 54 -1.21 9.44 -5.49
CA ASN A 54 -1.34 9.38 -4.04
C ASN A 54 -1.56 10.76 -3.44
N PHE A 55 -0.98 11.77 -4.09
CA PHE A 55 -1.04 13.13 -3.57
C PHE A 55 -2.05 13.97 -4.33
N SER A 56 -2.77 13.34 -5.24
CA SER A 56 -3.71 14.06 -6.10
C SER A 56 -4.93 14.52 -5.32
N VAL A 57 -5.36 15.74 -5.58
CA VAL A 57 -6.56 16.27 -4.96
C VAL A 57 -7.75 16.15 -5.90
N ALA A 58 -7.55 15.42 -7.00
CA ALA A 58 -8.62 15.22 -7.97
C ALA A 58 -9.74 14.37 -7.38
N GLN A 59 -10.98 14.83 -7.58
CA GLN A 59 -12.17 14.15 -7.06
C GLN A 59 -12.08 13.96 -5.55
N CYS A 60 -11.78 15.03 -4.83
CA CYS A 60 -11.69 14.99 -3.38
C CYS A 60 -12.60 16.03 -2.76
N GLN A 61 -13.26 15.65 -1.67
CA GLN A 61 -14.10 16.59 -0.94
C GLN A 61 -13.32 17.23 0.19
N LEU A 62 -13.49 18.53 0.35
CA LEU A 62 -12.79 19.27 1.39
C LEU A 62 -13.73 19.58 2.55
N MET A 63 -13.24 19.32 3.76
CA MET A 63 -14.04 19.55 4.96
C MET A 63 -13.29 20.44 5.93
N LYS A 64 -13.95 21.50 6.38
CA LYS A 64 -13.38 22.39 7.40
C LYS A 64 -13.88 21.96 8.77
N THR A 65 -12.96 21.65 9.68
CA THR A 65 -13.32 21.17 11.00
C THR A 65 -12.71 22.02 12.10
N GLU A 66 -13.27 21.93 13.30
CA GLU A 66 -12.71 22.59 14.47
C GLU A 66 -12.26 21.54 15.47
N ARG A 67 -12.48 20.28 15.13
CA ARG A 67 -12.03 19.15 15.92
C ARG A 67 -11.16 18.26 15.05
N PRO A 68 -10.09 17.68 15.64
CA PRO A 68 -9.68 17.79 17.05
C PRO A 68 -9.00 19.12 17.35
N ARG A 69 -8.61 19.84 16.32
CA ARG A 69 -7.95 21.12 16.49
C ARG A 69 -8.64 22.19 15.63
N PRO A 70 -8.81 23.40 16.18
CA PRO A 70 -9.37 24.52 15.43
C PRO A 70 -8.60 24.82 14.14
N ASN A 71 -9.27 25.47 13.18
CA ASN A 71 -8.67 25.81 11.89
C ASN A 71 -8.08 24.60 11.19
N THR A 72 -8.82 23.49 11.23
CA THR A 72 -8.40 22.26 10.58
C THR A 72 -9.21 22.05 9.32
N PHE A 73 -8.55 21.68 8.23
CA PHE A 73 -9.26 21.27 7.04
C PHE A 73 -8.80 19.89 6.60
N ILE A 74 -9.75 19.07 6.15
CA ILE A 74 -9.48 17.68 5.81
C ILE A 74 -9.68 17.44 4.32
N ILE A 75 -8.71 16.78 3.70
CA ILE A 75 -8.86 16.34 2.33
C ILE A 75 -9.21 14.85 2.32
N ARG A 76 -10.41 14.53 1.87
CA ARG A 76 -10.84 13.15 1.79
C ARG A 76 -10.90 12.71 0.34
N CYS A 77 -10.23 11.62 0.02
CA CYS A 77 -10.18 11.14 -1.34
C CYS A 77 -10.47 9.66 -1.42
N LEU A 78 -11.16 9.27 -2.49
CA LEU A 78 -11.34 7.87 -2.79
C LEU A 78 -10.29 7.44 -3.80
N GLN A 79 -9.29 6.70 -3.33
CA GLN A 79 -8.25 6.21 -4.21
C GLN A 79 -8.46 4.73 -4.51
N TRP A 80 -8.82 4.44 -5.76
CA TRP A 80 -9.21 3.11 -6.21
C TRP A 80 -10.40 2.60 -5.39
N THR A 81 -10.15 1.81 -4.35
CA THR A 81 -11.22 1.32 -3.50
C THR A 81 -11.03 1.65 -2.03
N THR A 82 -10.14 2.59 -1.76
CA THR A 82 -9.84 2.94 -0.38
C THR A 82 -10.01 4.43 -0.14
N VAL A 83 -10.77 4.79 0.88
CA VAL A 83 -10.94 6.18 1.27
C VAL A 83 -9.77 6.62 2.11
N ILE A 84 -9.06 7.65 1.67
CA ILE A 84 -7.96 8.18 2.47
C ILE A 84 -8.27 9.61 2.92
N GLU A 85 -7.68 9.98 4.04
CA GLU A 85 -7.85 11.32 4.59
C GLU A 85 -6.52 11.93 4.96
N ARG A 86 -6.35 13.21 4.64
CA ARG A 86 -5.19 13.95 5.09
C ARG A 86 -5.63 15.19 5.84
N THR A 87 -5.18 15.29 7.09
CA THR A 87 -5.63 16.33 8.01
C THR A 87 -4.59 17.44 8.16
N PHE A 88 -5.03 18.67 7.96
CA PHE A 88 -4.12 19.81 8.00
C PHE A 88 -4.61 20.88 8.97
N HIS A 89 -3.68 21.75 9.37
CA HIS A 89 -4.00 22.80 10.32
C HIS A 89 -3.21 24.07 10.03
N VAL A 90 -3.89 25.21 10.02
CA VAL A 90 -3.23 26.50 9.88
C VAL A 90 -3.51 27.36 11.11
N GLU A 91 -2.87 28.52 11.19
CA GLU A 91 -2.99 29.38 12.36
C GLU A 91 -4.29 30.18 12.38
N THR A 92 -4.66 30.74 11.24
CA THR A 92 -5.86 31.59 11.15
C THR A 92 -6.88 31.01 10.18
N PRO A 93 -8.17 31.25 10.44
CA PRO A 93 -9.26 30.82 9.55
C PRO A 93 -9.10 31.34 8.13
N GLU A 94 -8.55 32.55 8.00
CA GLU A 94 -8.33 33.18 6.70
C GLU A 94 -7.36 32.35 5.87
N GLU A 95 -6.30 31.84 6.50
CA GLU A 95 -5.34 31.00 5.82
C GLU A 95 -5.98 29.71 5.32
N ARG A 96 -6.85 29.13 6.15
CA ARG A 96 -7.53 27.90 5.80
C ARG A 96 -8.43 28.08 4.59
N GLU A 97 -9.06 29.25 4.50
CA GLU A 97 -9.95 29.54 3.38
C GLU A 97 -9.13 29.73 2.10
N GLU A 98 -7.95 30.31 2.24
CA GLU A 98 -7.06 30.51 1.10
C GLU A 98 -6.59 29.19 0.54
N TRP A 99 -6.38 28.21 1.43
CA TRP A 99 -5.94 26.89 1.02
C TRP A 99 -7.07 26.07 0.40
N THR A 100 -8.23 26.07 1.04
CA THR A 100 -9.37 25.29 0.56
C THR A 100 -9.88 25.82 -0.78
N THR A 101 -9.89 27.13 -0.95
CA THR A 101 -10.32 27.73 -2.20
C THR A 101 -9.36 27.36 -3.33
N ALA A 102 -8.06 27.35 -3.00
CA ALA A 102 -7.04 26.98 -3.97
C ALA A 102 -7.17 25.53 -4.39
N ILE A 103 -7.33 24.65 -3.42
CA ILE A 103 -7.44 23.22 -3.67
C ILE A 103 -8.72 22.91 -4.46
N GLN A 104 -9.84 23.48 -4.02
CA GLN A 104 -11.12 23.23 -4.67
C GLN A 104 -11.10 23.74 -6.11
N THR A 105 -10.41 24.86 -6.34
CA THR A 105 -10.27 25.42 -7.69
C THR A 105 -9.55 24.44 -8.60
N VAL A 106 -8.44 23.89 -8.10
CA VAL A 106 -7.63 22.97 -8.87
C VAL A 106 -8.33 21.62 -9.03
N ALA A 107 -9.04 21.19 -8.00
CA ALA A 107 -9.81 19.95 -8.06
C ALA A 107 -10.88 20.05 -9.15
N ASP A 108 -11.42 21.25 -9.33
CA ASP A 108 -12.39 21.51 -10.38
C ASP A 108 -11.67 21.80 -11.69
N GLY A 109 -10.44 22.30 -11.60
CA GLY A 109 -9.63 22.58 -12.77
C GLY A 109 -9.14 21.30 -13.44
N LEU A 110 -9.26 20.19 -12.73
CA LEU A 110 -8.87 18.89 -13.26
C LEU A 110 -10.07 18.14 -13.79
N LYS A 111 -11.26 18.67 -13.52
CA LYS A 111 -12.51 18.00 -13.90
C LYS A 111 -12.74 18.04 -15.41
N LYS A 112 -11.88 18.79 -16.11
CA LYS A 112 -11.94 18.89 -17.56
C LYS A 112 -11.81 17.52 -18.23
N ARG A 144 -29.15 -7.67 -12.34
CA ARG A 144 -28.60 -6.54 -11.61
C ARG A 144 -27.96 -7.01 -10.30
N VAL A 145 -26.69 -6.67 -10.11
CA VAL A 145 -25.95 -7.14 -8.94
C VAL A 145 -26.42 -6.47 -7.65
N THR A 146 -26.70 -7.28 -6.64
CA THR A 146 -27.14 -6.78 -5.33
C THR A 146 -26.46 -7.52 -4.19
N MET A 147 -26.84 -7.16 -2.96
CA MET A 147 -26.27 -7.77 -1.77
C MET A 147 -26.82 -9.18 -1.54
N ASN A 148 -28.00 -9.43 -2.09
CA ASN A 148 -28.68 -10.71 -1.91
C ASN A 148 -28.04 -11.83 -2.72
N GLU A 149 -27.18 -11.46 -3.66
CA GLU A 149 -26.53 -12.42 -4.55
C GLU A 149 -25.28 -13.03 -3.90
N PHE A 150 -24.93 -12.53 -2.72
CA PHE A 150 -23.75 -13.02 -2.02
C PHE A 150 -24.08 -13.62 -0.66
N GLU A 151 -23.15 -14.43 -0.14
CA GLU A 151 -23.28 -14.99 1.20
C GLU A 151 -22.16 -14.48 2.09
N TYR A 152 -22.53 -13.91 3.23
CA TYR A 152 -21.57 -13.44 4.23
C TYR A 152 -20.88 -14.59 4.94
N LEU A 153 -19.56 -14.64 4.87
CA LEU A 153 -18.81 -15.71 5.51
C LEU A 153 -18.03 -15.25 6.73
N LYS A 154 -17.24 -14.19 6.56
CA LYS A 154 -16.31 -13.77 7.59
C LYS A 154 -15.99 -12.28 7.50
N LEU A 155 -15.80 -11.65 8.66
CA LEU A 155 -15.38 -10.27 8.71
C LEU A 155 -13.86 -10.18 8.59
N LEU A 156 -13.38 -9.71 7.45
CA LEU A 156 -11.94 -9.65 7.21
C LEU A 156 -11.29 -8.46 7.89
N GLY A 157 -12.04 -7.37 8.03
CA GLY A 157 -11.52 -6.16 8.66
C GLY A 157 -12.55 -5.04 8.69
N LYS A 158 -12.37 -4.12 9.64
CA LYS A 158 -13.28 -3.00 9.79
C LYS A 158 -12.49 -1.71 9.89
N GLY A 159 -13.11 -0.61 9.46
CA GLY A 159 -12.42 0.68 9.44
C GLY A 159 -13.39 1.84 9.67
N THR A 160 -12.88 3.05 9.51
CA THR A 160 -13.66 4.25 9.79
C THR A 160 -14.86 4.39 8.85
N PHE A 161 -14.64 4.16 7.57
CA PHE A 161 -15.65 4.43 6.56
C PHE A 161 -16.28 3.17 5.99
N GLY A 162 -16.06 2.04 6.63
CA GLY A 162 -16.66 0.80 6.19
C GLY A 162 -15.96 -0.47 6.64
N LYS A 163 -16.27 -1.57 5.98
CA LYS A 163 -15.71 -2.86 6.35
C LYS A 163 -15.39 -3.73 5.13
N VAL A 164 -14.49 -4.68 5.30
CA VAL A 164 -14.17 -5.65 4.26
C VAL A 164 -14.74 -7.00 4.68
N ILE A 165 -15.30 -7.72 3.71
CA ILE A 165 -16.04 -8.94 4.01
C ILE A 165 -15.74 -10.06 3.03
N LEU A 166 -15.44 -11.24 3.56
CA LEU A 166 -15.28 -12.43 2.75
C LEU A 166 -16.65 -12.97 2.36
N VAL A 167 -16.93 -13.00 1.06
CA VAL A 167 -18.20 -13.50 0.56
C VAL A 167 -18.05 -14.64 -0.41
N LYS A 168 -19.12 -15.40 -0.57
CA LYS A 168 -19.17 -16.46 -1.57
C LYS A 168 -20.38 -16.21 -2.45
N GLU A 169 -20.14 -15.91 -3.73
CA GLU A 169 -21.22 -15.70 -4.68
C GLU A 169 -22.02 -16.99 -4.82
N LYS A 170 -23.31 -16.92 -4.51
CA LYS A 170 -24.15 -18.11 -4.48
C LYS A 170 -24.18 -18.80 -5.84
N ALA A 171 -24.29 -18.02 -6.90
CA ALA A 171 -24.43 -18.58 -8.25
C ALA A 171 -23.19 -19.35 -8.69
N THR A 172 -22.01 -18.75 -8.56
CA THR A 172 -20.79 -19.35 -9.08
C THR A 172 -20.06 -20.20 -8.03
N GLY A 173 -20.24 -19.86 -6.76
CA GLY A 173 -19.56 -20.55 -5.69
C GLY A 173 -18.16 -20.02 -5.49
N ARG A 174 -17.83 -18.96 -6.23
CA ARG A 174 -16.52 -18.33 -6.12
C ARG A 174 -16.41 -17.49 -4.85
N TYR A 175 -15.19 -17.30 -4.37
CA TYR A 175 -14.96 -16.55 -3.14
C TYR A 175 -14.42 -15.15 -3.46
N TYR A 176 -15.02 -14.13 -2.84
CA TYR A 176 -14.64 -12.74 -3.07
C TYR A 176 -14.51 -11.97 -1.77
N ALA A 177 -13.80 -10.85 -1.83
CA ALA A 177 -13.75 -9.93 -0.71
C ALA A 177 -14.53 -8.68 -1.07
N MET A 178 -15.54 -8.36 -0.27
CA MET A 178 -16.41 -7.24 -0.57
C MET A 178 -16.08 -6.05 0.34
N LYS A 179 -15.74 -4.92 -0.27
CA LYS A 179 -15.50 -3.70 0.46
C LYS A 179 -16.77 -2.87 0.56
N ILE A 180 -17.36 -2.82 1.74
CA ILE A 180 -18.58 -2.06 1.94
C ILE A 180 -18.26 -0.70 2.58
N LEU A 181 -18.32 0.35 1.78
CA LEU A 181 -17.99 1.69 2.24
C LEU A 181 -19.24 2.56 2.41
N LYS A 182 -19.17 3.53 3.32
CA LYS A 182 -20.23 4.51 3.49
C LYS A 182 -20.32 5.44 2.29
N LYS A 183 -21.49 5.48 1.67
CA LYS A 183 -21.71 6.27 0.46
C LYS A 183 -21.61 7.78 0.75
N GLU A 184 -21.88 8.15 1.99
CA GLU A 184 -21.89 9.56 2.41
C GLU A 184 -20.54 10.24 2.22
N VAL A 185 -19.48 9.55 2.61
CA VAL A 185 -18.13 10.11 2.52
C VAL A 185 -17.61 10.06 1.09
N ILE A 186 -18.43 9.56 0.18
CA ILE A 186 -18.06 9.45 -1.22
C ILE A 186 -19.10 10.12 -2.11
N GLN A 203 -12.20 -1.08 -13.26
CA GLN A 203 -12.78 -2.29 -13.81
C GLN A 203 -12.11 -2.68 -15.14
N ASN A 204 -11.60 -1.67 -15.84
CA ASN A 204 -11.05 -1.90 -17.17
C ASN A 204 -9.60 -2.39 -17.14
N SER A 205 -8.91 -2.10 -16.04
CA SER A 205 -7.49 -2.43 -15.90
C SER A 205 -7.27 -3.68 -15.05
N ARG A 206 -6.28 -4.48 -15.44
CA ARG A 206 -6.03 -5.75 -14.75
C ARG A 206 -4.56 -6.15 -14.81
N HIS A 207 -4.13 -6.92 -13.82
CA HIS A 207 -2.78 -7.45 -13.75
C HIS A 207 -2.82 -8.81 -13.04
N PRO A 208 -2.06 -9.79 -13.52
CA PRO A 208 -2.13 -11.15 -13.01
C PRO A 208 -1.77 -11.32 -11.53
N PHE A 209 -1.06 -10.34 -10.96
CA PHE A 209 -0.59 -10.48 -9.59
C PHE A 209 -1.26 -9.50 -8.64
N LEU A 210 -2.33 -8.89 -9.12
CA LEU A 210 -3.13 -7.99 -8.32
C LEU A 210 -4.54 -8.55 -8.15
N THR A 211 -5.11 -8.37 -6.96
CA THR A 211 -6.48 -8.79 -6.74
C THR A 211 -7.40 -7.90 -7.57
N ALA A 212 -8.05 -8.51 -8.56
CA ALA A 212 -8.84 -7.75 -9.51
C ALA A 212 -10.13 -7.25 -8.89
N LEU A 213 -10.51 -6.04 -9.24
CA LEU A 213 -11.83 -5.54 -8.89
C LEU A 213 -12.84 -6.15 -9.87
N LYS A 214 -13.59 -7.16 -9.40
CA LYS A 214 -14.53 -7.87 -10.26
C LYS A 214 -15.68 -6.97 -10.70
N TYR A 215 -16.42 -6.43 -9.73
CA TYR A 215 -17.41 -5.40 -10.03
C TYR A 215 -17.64 -4.44 -8.87
N SER A 216 -18.26 -3.31 -9.18
CA SER A 216 -18.61 -2.32 -8.18
C SER A 216 -20.10 -2.00 -8.27
N PHE A 217 -20.78 -2.03 -7.13
CA PHE A 217 -22.17 -1.62 -7.07
C PHE A 217 -22.42 -0.84 -5.78
N GLN A 218 -23.51 -0.09 -5.74
CA GLN A 218 -23.82 0.72 -4.58
C GLN A 218 -25.27 0.53 -4.14
N THR A 219 -25.50 0.65 -2.83
CA THR A 219 -26.86 0.67 -2.31
C THR A 219 -27.21 2.11 -1.96
N HIS A 220 -28.29 2.29 -1.21
CA HIS A 220 -28.76 3.63 -0.85
C HIS A 220 -27.76 4.36 0.05
N ASP A 221 -27.04 3.62 0.87
CA ASP A 221 -26.12 4.22 1.83
C ASP A 221 -24.73 3.58 1.80
N ARG A 222 -24.56 2.53 1.01
CA ARG A 222 -23.31 1.79 0.98
C ARG A 222 -22.77 1.60 -0.42
N LEU A 223 -21.47 1.79 -0.58
CA LEU A 223 -20.78 1.50 -1.85
C LEU A 223 -19.99 0.21 -1.69
N CYS A 224 -20.13 -0.68 -2.66
CA CYS A 224 -19.54 -2.00 -2.54
C CYS A 224 -18.56 -2.31 -3.67
N PHE A 225 -17.38 -2.80 -3.30
CA PHE A 225 -16.36 -3.23 -4.24
C PHE A 225 -16.10 -4.71 -4.09
N VAL A 226 -16.44 -5.49 -5.12
CA VAL A 226 -16.21 -6.93 -5.07
C VAL A 226 -14.89 -7.30 -5.73
N MET A 227 -13.97 -7.85 -4.95
CA MET A 227 -12.65 -8.18 -5.45
C MET A 227 -12.36 -9.67 -5.39
N GLU A 228 -11.50 -10.14 -6.29
CA GLU A 228 -11.11 -11.54 -6.29
C GLU A 228 -10.36 -11.89 -5.02
N TYR A 229 -10.72 -13.02 -4.43
CA TYR A 229 -10.06 -13.51 -3.23
C TYR A 229 -9.36 -14.82 -3.53
N ALA A 230 -8.03 -14.79 -3.50
CA ALA A 230 -7.23 -15.98 -3.76
C ALA A 230 -7.44 -17.03 -2.67
N ASN A 231 -7.47 -18.29 -3.06
CA ASN A 231 -7.72 -19.37 -2.10
C ASN A 231 -6.52 -20.28 -1.91
N GLY A 232 -5.33 -19.79 -2.24
CA GLY A 232 -4.11 -20.55 -2.08
C GLY A 232 -3.47 -20.34 -0.73
N GLY A 233 -4.14 -19.55 0.11
CA GLY A 233 -3.69 -19.31 1.46
C GLY A 233 -2.86 -18.04 1.61
N GLU A 234 -2.90 -17.48 2.82
CA GLU A 234 -2.07 -16.32 3.17
C GLU A 234 -0.59 -16.68 3.10
N LEU A 235 0.21 -15.77 2.54
CA LEU A 235 1.63 -16.04 2.37
C LEU A 235 2.37 -16.11 3.70
N PHE A 236 1.90 -15.36 4.71
CA PHE A 236 2.57 -15.43 6.01
C PHE A 236 2.33 -16.79 6.63
N PHE A 237 1.18 -17.39 6.34
CA PHE A 237 0.86 -18.72 6.83
C PHE A 237 1.79 -19.75 6.22
N HIS A 238 2.11 -19.57 4.94
CA HIS A 238 3.05 -20.46 4.26
C HIS A 238 4.46 -20.27 4.79
N LEU A 239 4.82 -19.01 5.00
CA LEU A 239 6.16 -18.71 5.50
C LEU A 239 6.29 -19.15 6.95
N SER A 240 5.21 -19.02 7.72
CA SER A 240 5.19 -19.46 9.11
C SER A 240 5.31 -20.97 9.20
N ARG A 241 4.67 -21.67 8.27
CA ARG A 241 4.62 -23.13 8.29
C ARG A 241 5.94 -23.73 7.81
N GLU A 242 6.57 -23.08 6.84
CA GLU A 242 7.82 -23.58 6.27
C GLU A 242 9.03 -22.83 6.78
N ARG A 243 8.81 -21.96 7.76
CA ARG A 243 9.87 -21.16 8.40
C ARG A 243 10.59 -20.21 7.45
N VAL A 244 11.31 -20.76 6.48
CA VAL A 244 12.09 -19.95 5.54
C VAL A 244 11.88 -20.45 4.11
N PHE A 245 11.92 -19.52 3.15
CA PHE A 245 11.92 -19.89 1.73
C PHE A 245 13.34 -19.94 1.21
N SER A 246 13.59 -20.85 0.27
CA SER A 246 14.86 -20.88 -0.43
C SER A 246 14.99 -19.61 -1.27
N GLU A 247 16.22 -19.24 -1.62
CA GLU A 247 16.45 -18.05 -2.43
C GLU A 247 15.74 -18.15 -3.77
N ASP A 248 15.67 -19.36 -4.32
CA ASP A 248 14.96 -19.59 -5.57
C ASP A 248 13.47 -19.28 -5.41
N ARG A 249 12.88 -19.76 -4.32
CA ARG A 249 11.46 -19.56 -4.08
C ARG A 249 11.13 -18.09 -3.82
N ALA A 250 11.99 -17.43 -3.04
CA ALA A 250 11.81 -16.01 -2.75
C ALA A 250 12.02 -15.18 -4.01
N ARG A 251 12.89 -15.65 -4.90
CA ARG A 251 13.11 -14.99 -6.17
C ARG A 251 11.83 -15.00 -6.99
N PHE A 252 11.16 -16.15 -6.99
CA PHE A 252 9.89 -16.30 -7.69
C PHE A 252 8.86 -15.31 -7.16
N TYR A 253 8.59 -15.37 -5.86
CA TYR A 253 7.63 -14.46 -5.25
C TYR A 253 8.07 -13.02 -5.45
N GLY A 254 9.36 -12.77 -5.27
CA GLY A 254 9.91 -11.44 -5.46
C GLY A 254 9.74 -10.91 -6.87
N ALA A 255 9.98 -11.77 -7.86
CA ALA A 255 9.86 -11.37 -9.26
C ALA A 255 8.45 -10.94 -9.60
N GLU A 256 7.47 -11.72 -9.13
CA GLU A 256 6.07 -11.40 -9.43
C GLU A 256 5.65 -10.09 -8.79
N ILE A 257 6.13 -9.82 -7.58
CA ILE A 257 5.83 -8.56 -6.90
C ILE A 257 6.42 -7.37 -7.65
N VAL A 258 7.65 -7.53 -8.13
CA VAL A 258 8.31 -6.49 -8.89
C VAL A 258 7.49 -6.09 -10.12
N SER A 259 7.02 -7.11 -10.84
CA SER A 259 6.19 -6.89 -12.02
C SER A 259 4.97 -6.07 -11.70
N ALA A 260 4.28 -6.42 -10.63
CA ALA A 260 3.07 -5.72 -10.22
C ALA A 260 3.38 -4.31 -9.74
N LEU A 261 4.53 -4.14 -9.09
CA LEU A 261 4.94 -2.81 -8.64
C LEU A 261 5.29 -1.91 -9.81
N ASP A 262 5.92 -2.49 -10.83
CA ASP A 262 6.25 -1.75 -12.04
C ASP A 262 4.97 -1.27 -12.71
N TYR A 263 3.99 -2.15 -12.78
CA TYR A 263 2.67 -1.83 -13.33
C TYR A 263 2.05 -0.64 -12.61
N LEU A 264 1.98 -0.71 -11.29
CA LEU A 264 1.36 0.34 -10.49
C LEU A 264 2.10 1.67 -10.58
N HIS A 265 3.40 1.60 -10.86
CA HIS A 265 4.23 2.79 -10.91
C HIS A 265 4.23 3.47 -12.26
N SER A 266 4.42 2.69 -13.32
CA SER A 266 4.59 3.27 -14.64
C SER A 266 3.25 3.43 -15.35
N GLU A 267 2.33 2.50 -15.13
CA GLU A 267 1.02 2.56 -15.77
C GLU A 267 -0.01 3.32 -14.96
N LYS A 268 -0.13 3.00 -13.67
CA LYS A 268 -1.15 3.64 -12.84
C LYS A 268 -0.61 4.88 -12.14
N ASN A 269 0.70 5.06 -12.18
CA ASN A 269 1.36 6.15 -11.49
C ASN A 269 0.91 6.24 -10.03
N VAL A 270 0.98 5.11 -9.33
CA VAL A 270 0.53 5.07 -7.94
C VAL A 270 1.54 4.30 -7.08
N VAL A 271 1.64 4.69 -5.81
CA VAL A 271 2.43 3.96 -4.83
C VAL A 271 1.53 3.05 -4.02
N TYR A 272 1.89 1.77 -3.94
CA TYR A 272 1.10 0.81 -3.18
C TYR A 272 1.22 1.09 -1.69
N ARG A 273 2.45 1.35 -1.26
CA ARG A 273 2.72 1.92 0.06
C ARG A 273 2.49 0.95 1.23
N ASP A 274 1.68 -0.08 1.04
CA ASP A 274 1.40 -1.02 2.12
C ASP A 274 1.96 -2.42 1.86
N LEU A 275 3.06 -2.51 1.13
CA LEU A 275 3.63 -3.82 0.81
C LEU A 275 4.19 -4.48 2.07
N LYS A 276 3.50 -5.52 2.52
CA LYS A 276 3.94 -6.34 3.64
C LYS A 276 3.50 -7.77 3.42
N LEU A 277 3.99 -8.67 4.27
CA LEU A 277 3.71 -10.08 4.14
C LEU A 277 2.20 -10.39 4.25
N GLU A 278 1.51 -9.64 5.10
CA GLU A 278 0.08 -9.85 5.35
C GLU A 278 -0.76 -9.55 4.12
N ASN A 279 -0.22 -8.74 3.22
CA ASN A 279 -0.93 -8.33 2.02
C ASN A 279 -0.56 -9.14 0.80
N LEU A 280 -0.02 -10.34 1.03
CA LEU A 280 0.35 -11.23 -0.05
C LEU A 280 -0.36 -12.57 0.08
N MET A 281 -0.98 -13.01 -1.00
CA MET A 281 -1.64 -14.31 -1.02
C MET A 281 -1.20 -15.09 -2.25
N LEU A 282 -1.43 -16.40 -2.22
CA LEU A 282 -1.20 -17.24 -3.38
C LEU A 282 -2.53 -17.65 -3.99
N ASP A 283 -2.59 -17.80 -5.31
CA ASP A 283 -3.78 -18.36 -5.92
C ASP A 283 -3.66 -19.88 -5.89
N LYS A 284 -4.62 -20.56 -6.51
CA LYS A 284 -4.62 -22.01 -6.54
C LYS A 284 -3.37 -22.58 -7.20
N ASP A 285 -2.78 -21.80 -8.11
CA ASP A 285 -1.60 -22.23 -8.85
C ASP A 285 -0.31 -21.89 -8.13
N GLY A 286 -0.41 -21.04 -7.11
CA GLY A 286 0.75 -20.66 -6.32
C GLY A 286 1.40 -19.39 -6.81
N HIS A 287 0.66 -18.61 -7.60
CA HIS A 287 1.14 -17.31 -8.03
C HIS A 287 0.72 -16.22 -7.05
N ILE A 288 1.55 -15.19 -6.94
CA ILE A 288 1.32 -14.12 -5.98
C ILE A 288 0.11 -13.27 -6.35
N LYS A 289 -0.70 -12.95 -5.35
CA LYS A 289 -1.75 -11.96 -5.50
C LYS A 289 -1.59 -10.89 -4.41
N ILE A 290 -1.21 -9.68 -4.81
CA ILE A 290 -1.15 -8.57 -3.86
C ILE A 290 -2.58 -8.08 -3.62
N THR A 291 -2.97 -7.96 -2.35
CA THR A 291 -4.36 -7.68 -2.02
C THR A 291 -4.69 -6.19 -1.95
N ASP A 292 -5.99 -5.93 -1.94
CA ASP A 292 -6.51 -4.57 -1.85
C ASP A 292 -7.65 -4.57 -0.84
N PHE A 293 -7.36 -5.01 0.38
CA PHE A 293 -8.41 -5.14 1.39
C PHE A 293 -8.24 -4.09 2.50
N GLY A 294 -7.39 -3.10 2.25
CA GLY A 294 -7.11 -2.09 3.23
C GLY A 294 -8.25 -1.13 3.49
N LEU A 295 -8.32 -0.61 4.72
CA LEU A 295 -9.33 0.36 5.10
C LEU A 295 -8.72 1.47 5.94
N CYS A 296 -9.32 2.66 5.89
CA CYS A 296 -8.93 3.73 6.80
C CYS A 296 -9.34 3.37 8.22
N LYS A 297 -8.37 3.24 9.11
CA LYS A 297 -8.64 2.92 10.50
C LYS A 297 -8.11 4.00 11.43
N GLU A 298 -8.91 4.38 12.42
CA GLU A 298 -8.48 5.34 13.41
C GLU A 298 -7.39 4.72 14.29
N GLY A 299 -6.46 5.54 14.75
CA GLY A 299 -5.35 5.06 15.55
C GLY A 299 -5.78 4.58 16.93
N ILE A 300 -4.85 3.93 17.63
CA ILE A 300 -5.11 3.46 18.98
C ILE A 300 -4.04 3.96 19.96
N LYS A 301 -4.47 4.46 21.11
CA LYS A 301 -3.53 4.91 22.13
C LYS A 301 -2.77 3.74 22.73
N THR A 305 3.96 4.97 24.98
CA THR A 305 2.78 4.16 25.23
C THR A 305 1.51 5.01 25.22
N MET A 306 1.63 6.26 25.64
CA MET A 306 0.49 7.17 25.71
C MET A 306 0.17 7.84 24.38
N LYS A 307 1.00 7.59 23.37
CA LYS A 307 0.78 8.16 22.04
C LYS A 307 -0.16 7.30 21.20
N THR A 308 -0.67 7.89 20.11
CA THR A 308 -1.58 7.19 19.22
C THR A 308 -0.89 6.82 17.91
N PHE A 309 -0.97 5.54 17.55
CA PHE A 309 -0.35 5.04 16.33
C PHE A 309 -1.38 4.42 15.40
N CYS A 310 -1.15 4.56 14.10
CA CYS A 310 -2.03 3.97 13.10
C CYS A 310 -1.37 2.75 12.47
N GLY A 311 -1.78 1.57 12.91
CA GLY A 311 -1.20 0.33 12.42
C GLY A 311 0.10 -0.03 13.12
N THR A 312 0.87 -0.93 12.52
CA THR A 312 2.17 -1.33 13.05
C THR A 312 3.28 -0.87 12.10
N PRO A 313 4.39 -0.38 12.67
CA PRO A 313 5.41 0.31 11.87
C PRO A 313 6.48 -0.58 11.21
N GLU A 314 6.57 -1.85 11.62
CA GLU A 314 7.68 -2.73 11.22
C GLU A 314 7.99 -2.76 9.71
N TYR A 315 6.99 -2.46 8.89
CA TYR A 315 7.16 -2.53 7.44
C TYR A 315 7.26 -1.16 6.80
N LEU A 316 7.13 -0.12 7.62
CA LEU A 316 7.06 1.24 7.10
C LEU A 316 8.43 1.77 6.70
N ALA A 317 8.48 2.35 5.50
CA ALA A 317 9.69 3.01 5.02
C ALA A 317 9.98 4.21 5.89
N PRO A 318 11.27 4.46 6.17
CA PRO A 318 11.69 5.57 7.04
C PRO A 318 11.09 6.91 6.62
N GLU A 319 11.02 7.19 5.33
CA GLU A 319 10.52 8.48 4.86
C GLU A 319 9.02 8.59 5.05
N VAL A 320 8.36 7.45 5.25
CA VAL A 320 6.93 7.42 5.49
C VAL A 320 6.64 7.63 6.98
N LEU A 321 7.50 7.08 7.83
CA LEU A 321 7.40 7.28 9.27
C LEU A 321 7.51 8.76 9.63
N GLU A 322 8.46 9.45 9.01
CA GLU A 322 8.70 10.86 9.31
C GLU A 322 7.68 11.78 8.64
N ASP A 323 6.75 11.19 7.90
CA ASP A 323 5.76 11.95 7.13
C ASP A 323 6.44 12.93 6.17
N ASN A 324 7.65 12.57 5.74
CA ASN A 324 8.37 13.34 4.73
C ASN A 324 7.83 13.03 3.35
N ASP A 325 8.42 13.65 2.33
CA ASP A 325 8.06 13.34 0.95
C ASP A 325 8.40 11.89 0.65
N TYR A 326 7.50 11.19 -0.02
CA TYR A 326 7.76 9.80 -0.41
C TYR A 326 7.32 9.56 -1.84
N GLY A 327 7.92 8.57 -2.47
CA GLY A 327 7.62 8.26 -3.86
C GLY A 327 7.60 6.76 -4.10
N ARG A 328 7.94 6.37 -5.31
CA ARG A 328 7.92 4.96 -5.72
C ARG A 328 8.93 4.12 -4.94
N ALA A 329 9.92 4.78 -4.34
CA ALA A 329 10.95 4.07 -3.59
C ALA A 329 10.39 3.39 -2.35
N VAL A 330 9.23 3.85 -1.90
CA VAL A 330 8.57 3.27 -0.73
C VAL A 330 8.29 1.78 -0.91
N ASP A 331 7.76 1.42 -2.07
CA ASP A 331 7.42 0.02 -2.32
C ASP A 331 8.67 -0.84 -2.42
N TRP A 332 9.80 -0.24 -2.76
CA TRP A 332 11.04 -1.01 -2.88
C TRP A 332 11.57 -1.34 -1.50
N TRP A 333 11.36 -0.44 -0.56
CA TRP A 333 11.60 -0.74 0.84
C TRP A 333 10.69 -1.90 1.25
N GLY A 334 9.40 -1.76 0.94
CA GLY A 334 8.42 -2.77 1.28
C GLY A 334 8.81 -4.12 0.72
N LEU A 335 9.32 -4.12 -0.51
CA LEU A 335 9.82 -5.34 -1.13
C LEU A 335 11.02 -5.90 -0.37
N GLY A 336 11.89 -5.01 0.10
CA GLY A 336 13.05 -5.41 0.85
C GLY A 336 12.67 -6.13 2.13
N VAL A 337 11.72 -5.55 2.87
CA VAL A 337 11.24 -6.13 4.11
C VAL A 337 10.65 -7.52 3.88
N VAL A 338 9.78 -7.63 2.88
CA VAL A 338 9.13 -8.88 2.54
C VAL A 338 10.15 -9.94 2.13
N MET A 339 11.05 -9.59 1.23
CA MET A 339 12.04 -10.56 0.77
C MET A 339 13.04 -10.93 1.86
N TYR A 340 13.29 -9.99 2.78
CA TYR A 340 14.17 -10.25 3.91
C TYR A 340 13.57 -11.34 4.79
N GLU A 341 12.25 -11.28 4.99
CA GLU A 341 11.60 -12.23 5.88
C GLU A 341 11.48 -13.61 5.26
N MET A 342 11.38 -13.66 3.93
CA MET A 342 11.23 -14.92 3.23
C MET A 342 12.53 -15.72 3.24
N MET A 343 13.65 -15.03 3.18
CA MET A 343 14.95 -15.69 3.07
C MET A 343 15.66 -15.83 4.41
N CYS A 344 15.24 -15.05 5.41
CA CYS A 344 15.89 -15.09 6.71
C CYS A 344 14.97 -15.67 7.80
N GLY A 345 13.67 -15.66 7.54
CA GLY A 345 12.71 -16.24 8.45
C GLY A 345 12.38 -15.32 9.62
N ARG A 346 12.68 -14.04 9.47
CA ARG A 346 12.36 -13.06 10.50
C ARG A 346 12.32 -11.65 9.92
N LEU A 347 11.66 -10.74 10.63
CA LEU A 347 11.61 -9.35 10.24
C LEU A 347 12.98 -8.70 10.42
N PRO A 348 13.33 -7.74 9.55
CA PRO A 348 14.60 -7.02 9.64
C PRO A 348 14.81 -6.34 10.99
N PHE A 349 13.92 -5.42 11.37
CA PHE A 349 13.97 -4.82 12.71
C PHE A 349 12.86 -5.36 13.59
N TYR A 350 13.18 -5.65 14.84
CA TYR A 350 12.13 -6.04 15.77
C TYR A 350 12.42 -5.68 17.22
N ASN A 351 11.57 -4.83 17.77
CA ASN A 351 11.63 -4.46 19.18
C ASN A 351 10.27 -3.97 19.66
N GLN A 352 9.94 -4.26 20.91
CA GLN A 352 8.61 -3.99 21.44
C GLN A 352 8.34 -2.50 21.60
N ASP A 353 9.23 -1.81 22.30
CA ASP A 353 9.12 -0.38 22.48
C ASP A 353 9.10 0.31 21.13
N HIS A 354 7.99 0.97 20.81
CA HIS A 354 7.86 1.64 19.52
C HIS A 354 8.88 2.75 19.37
N GLU A 355 9.23 3.37 20.50
CA GLU A 355 10.29 4.37 20.52
C GLU A 355 11.58 3.75 20.03
N LYS A 356 11.81 2.49 20.34
CA LYS A 356 12.96 1.75 19.83
C LYS A 356 12.73 1.34 18.37
N LEU A 357 11.57 0.77 18.11
CA LEU A 357 11.23 0.27 16.78
C LEU A 357 11.35 1.36 15.72
N PHE A 358 10.93 2.57 16.07
CA PHE A 358 11.09 3.70 15.17
C PHE A 358 12.56 3.97 14.93
N GLU A 359 13.34 4.03 16.01
CA GLU A 359 14.77 4.23 15.87
C GLU A 359 15.40 3.09 15.07
N LEU A 360 14.95 1.86 15.32
CA LEU A 360 15.48 0.70 14.61
C LEU A 360 15.33 0.88 13.09
N ILE A 361 14.15 1.30 12.65
CA ILE A 361 13.90 1.57 11.24
C ILE A 361 14.62 2.84 10.78
N LEU A 362 14.65 3.85 11.65
CA LEU A 362 15.19 5.15 11.29
C LEU A 362 16.72 5.23 11.31
N MET A 363 17.37 4.61 12.30
CA MET A 363 18.83 4.72 12.39
C MET A 363 19.59 3.39 12.43
N GLU A 364 19.04 2.34 13.04
CA GLU A 364 19.76 1.06 13.08
C GLU A 364 19.85 0.45 11.69
N GLU A 365 21.07 0.12 11.25
CA GLU A 365 21.24 -0.44 9.91
C GLU A 365 21.15 -1.95 9.91
N ILE A 366 20.58 -2.48 8.83
CA ILE A 366 20.25 -3.90 8.74
C ILE A 366 21.48 -4.77 8.61
N ARG A 367 21.47 -5.90 9.32
CA ARG A 367 22.52 -6.89 9.19
C ARG A 367 21.90 -8.19 8.68
N PHE A 368 22.72 -9.03 8.04
CA PHE A 368 22.23 -10.20 7.35
C PHE A 368 22.87 -11.48 7.87
N PRO A 369 22.13 -12.60 7.82
CA PRO A 369 22.67 -13.91 8.20
C PRO A 369 23.82 -14.31 7.28
N ARG A 370 24.81 -15.02 7.83
CA ARG A 370 25.98 -15.42 7.05
C ARG A 370 25.63 -16.52 6.04
N THR A 371 24.51 -17.20 6.28
CA THR A 371 24.09 -18.30 5.41
C THR A 371 23.36 -17.78 4.18
N LEU A 372 23.25 -16.46 4.08
CA LEU A 372 22.59 -15.82 2.95
C LEU A 372 23.61 -15.46 1.87
N GLY A 373 23.27 -15.76 0.62
CA GLY A 373 24.17 -15.49 -0.49
C GLY A 373 24.41 -14.01 -0.71
N PRO A 374 25.58 -13.67 -1.27
CA PRO A 374 25.97 -12.26 -1.50
C PRO A 374 25.04 -11.57 -2.48
N GLU A 375 24.48 -12.31 -3.43
CA GLU A 375 23.54 -11.74 -4.38
C GLU A 375 22.26 -11.30 -3.67
N ALA A 376 21.86 -12.07 -2.66
CA ALA A 376 20.70 -11.69 -1.86
C ALA A 376 21.05 -10.51 -0.96
N LYS A 377 22.28 -10.48 -0.47
CA LYS A 377 22.74 -9.38 0.39
C LYS A 377 22.67 -8.05 -0.34
N SER A 378 23.20 -8.04 -1.57
CA SER A 378 23.23 -6.82 -2.37
C SER A 378 21.83 -6.31 -2.65
N LEU A 379 20.91 -7.22 -2.93
CA LEU A 379 19.53 -6.86 -3.20
C LEU A 379 18.89 -6.22 -1.98
N LEU A 380 18.95 -6.92 -0.85
CA LEU A 380 18.33 -6.43 0.37
C LEU A 380 19.01 -5.16 0.88
N SER A 381 20.32 -5.07 0.74
CA SER A 381 21.06 -3.88 1.17
C SER A 381 20.57 -2.64 0.43
N GLY A 382 20.36 -2.78 -0.88
CA GLY A 382 19.94 -1.66 -1.71
C GLY A 382 18.46 -1.35 -1.51
N LEU A 383 17.66 -2.39 -1.42
CA LEU A 383 16.22 -2.23 -1.20
C LEU A 383 15.93 -1.57 0.14
N LEU A 384 16.81 -1.77 1.11
CA LEU A 384 16.56 -1.31 2.46
C LEU A 384 17.50 -0.17 2.86
N LYS A 385 17.93 0.61 1.87
CA LYS A 385 18.63 1.85 2.15
C LYS A 385 17.65 2.85 2.75
N LYS A 386 18.05 3.50 3.83
CA LYS A 386 17.16 4.41 4.54
C LYS A 386 16.83 5.65 3.71
N ASP A 387 17.77 6.06 2.85
CA ASP A 387 17.55 7.20 1.98
C ASP A 387 17.01 6.75 0.63
N PRO A 388 15.77 7.18 0.30
CA PRO A 388 15.09 6.83 -0.95
C PRO A 388 15.91 7.10 -2.20
N LYS A 389 16.72 8.16 -2.18
CA LYS A 389 17.50 8.54 -3.34
C LYS A 389 18.70 7.61 -3.54
N GLN A 390 19.08 6.90 -2.49
CA GLN A 390 20.17 5.93 -2.58
C GLN A 390 19.61 4.52 -2.71
N ARG A 391 18.30 4.39 -2.45
CA ARG A 391 17.65 3.10 -2.44
C ARG A 391 17.55 2.49 -3.84
N LEU A 392 17.74 1.18 -3.93
CA LEU A 392 17.58 0.46 -5.18
C LEU A 392 16.16 0.60 -5.69
N GLY A 393 16.02 1.10 -6.92
CA GLY A 393 14.72 1.33 -7.51
C GLY A 393 14.22 2.74 -7.27
N GLY A 394 15.01 3.53 -6.54
CA GLY A 394 14.63 4.88 -6.19
C GLY A 394 15.03 5.88 -7.27
N GLY A 395 15.70 5.37 -8.31
CA GLY A 395 16.11 6.21 -9.41
C GLY A 395 15.00 6.37 -10.44
N SER A 396 15.30 7.09 -11.51
CA SER A 396 14.31 7.34 -12.56
C SER A 396 13.92 6.07 -13.29
N GLU A 397 14.81 5.08 -13.27
CA GLU A 397 14.56 3.80 -13.90
C GLU A 397 13.52 2.99 -13.12
N ASP A 398 13.37 3.31 -11.84
CA ASP A 398 12.41 2.65 -10.96
C ASP A 398 12.64 1.15 -10.93
N ALA A 399 11.63 0.38 -11.36
CA ALA A 399 11.67 -1.08 -11.28
C ALA A 399 12.80 -1.71 -12.09
N LYS A 400 13.13 -1.10 -13.22
CA LYS A 400 14.17 -1.61 -14.09
C LYS A 400 15.50 -1.70 -13.35
N GLU A 401 15.69 -0.78 -12.40
CA GLU A 401 16.89 -0.76 -11.58
C GLU A 401 17.01 -2.02 -10.74
N ILE A 402 15.88 -2.67 -10.49
CA ILE A 402 15.84 -3.89 -9.69
C ILE A 402 15.81 -5.13 -10.55
N MET A 403 15.10 -5.05 -11.67
CA MET A 403 15.03 -6.16 -12.61
C MET A 403 16.40 -6.49 -13.18
N GLN A 404 17.28 -5.51 -13.22
CA GLN A 404 18.62 -5.68 -13.77
C GLN A 404 19.64 -6.07 -12.70
N HIS A 405 19.16 -6.27 -11.47
CA HIS A 405 20.05 -6.64 -10.36
C HIS A 405 20.51 -8.08 -10.49
N ARG A 406 21.73 -8.35 -10.02
CA ARG A 406 22.33 -9.69 -10.10
C ARG A 406 21.42 -10.80 -9.57
N PHE A 407 20.61 -10.47 -8.57
CA PHE A 407 19.76 -11.47 -7.93
C PHE A 407 18.68 -11.96 -8.87
N PHE A 408 18.30 -11.12 -9.82
CA PHE A 408 17.29 -11.48 -10.81
C PHE A 408 17.90 -11.75 -12.18
N ALA A 409 19.12 -12.26 -12.18
CA ALA A 409 19.77 -12.63 -13.43
C ALA A 409 19.21 -13.95 -13.93
N GLY A 410 18.93 -14.02 -15.23
CA GLY A 410 18.38 -15.22 -15.82
C GLY A 410 16.86 -15.25 -15.78
N ILE A 411 16.27 -14.22 -15.22
CA ILE A 411 14.82 -14.14 -15.11
C ILE A 411 14.25 -13.34 -16.28
N VAL A 412 13.48 -14.00 -17.13
CA VAL A 412 12.84 -13.32 -18.25
C VAL A 412 11.60 -12.60 -17.76
N TRP A 413 11.60 -11.27 -17.83
CA TRP A 413 10.56 -10.48 -17.20
C TRP A 413 9.27 -10.42 -18.00
N GLN A 414 9.33 -10.79 -19.27
CA GLN A 414 8.10 -10.96 -20.02
C GLN A 414 7.44 -12.28 -19.61
N HIS A 415 8.27 -13.25 -19.23
CA HIS A 415 7.78 -14.55 -18.80
C HIS A 415 7.07 -14.49 -17.45
N VAL A 416 7.59 -13.63 -16.57
CA VAL A 416 6.98 -13.45 -15.26
C VAL A 416 5.56 -12.91 -15.40
N TYR A 417 5.42 -11.85 -16.19
CA TYR A 417 4.13 -11.22 -16.43
C TYR A 417 3.13 -12.15 -17.08
N GLU A 418 3.62 -13.07 -17.90
CA GLU A 418 2.75 -14.02 -18.60
C GLU A 418 2.68 -15.35 -17.85
N LYS A 419 3.14 -15.32 -16.60
CA LYS A 419 3.09 -16.48 -15.70
C LYS A 419 3.70 -17.74 -16.31
N LYS A 420 4.75 -17.57 -17.12
CA LYS A 420 5.44 -18.69 -17.73
C LYS A 420 6.22 -19.47 -16.68
N LEU A 421 6.71 -18.77 -15.66
CA LEU A 421 7.48 -19.39 -14.60
C LEU A 421 6.66 -20.40 -13.80
N SER A 422 7.19 -21.60 -13.66
CA SER A 422 6.53 -22.62 -12.87
C SER A 422 6.74 -22.34 -11.39
N PRO A 423 5.63 -22.21 -10.64
CA PRO A 423 5.70 -21.94 -9.20
C PRO A 423 6.44 -23.04 -8.45
N PRO A 424 7.31 -22.65 -7.52
CA PRO A 424 8.09 -23.59 -6.71
C PRO A 424 7.21 -24.30 -5.67
N PHE A 425 6.02 -23.75 -5.45
CA PHE A 425 5.09 -24.33 -4.49
C PHE A 425 3.66 -24.28 -5.02
N LYS A 426 2.99 -25.42 -4.95
CA LYS A 426 1.61 -25.53 -5.39
C LYS A 426 0.68 -25.83 -4.22
N PRO A 427 -0.21 -24.88 -3.89
CA PRO A 427 -1.20 -25.02 -2.81
C PRO A 427 -2.09 -26.25 -2.96
N GLN A 428 -2.54 -26.79 -1.84
CA GLN A 428 -3.33 -28.02 -1.82
C GLN A 428 -4.81 -27.80 -2.09
N VAL A 429 -5.14 -27.20 -3.23
CA VAL A 429 -6.54 -26.96 -3.56
C VAL A 429 -6.95 -27.60 -4.87
N THR A 430 -8.15 -28.16 -4.89
CA THR A 430 -8.72 -28.75 -6.10
C THR A 430 -9.02 -27.65 -7.12
N SER A 431 -9.68 -26.59 -6.65
CA SER A 431 -10.07 -25.47 -7.51
C SER A 431 -10.11 -24.18 -6.70
N GLU A 432 -10.56 -23.10 -7.32
CA GLU A 432 -10.69 -21.83 -6.63
C GLU A 432 -11.79 -21.85 -5.58
N THR A 433 -12.63 -22.88 -5.62
CA THR A 433 -13.72 -23.00 -4.66
C THR A 433 -13.35 -23.91 -3.50
N ASP A 434 -12.17 -24.53 -3.58
CA ASP A 434 -11.67 -25.35 -2.48
C ASP A 434 -11.45 -24.46 -1.26
N THR A 435 -12.17 -24.76 -0.18
CA THR A 435 -12.14 -23.93 1.02
C THR A 435 -11.15 -24.43 2.07
N ARG A 436 -10.07 -25.05 1.60
CA ARG A 436 -9.10 -25.66 2.50
C ARG A 436 -8.38 -24.65 3.40
N TYR A 437 -7.96 -23.53 2.81
CA TYR A 437 -7.18 -22.55 3.56
C TYR A 437 -8.07 -21.54 4.28
N PHE A 438 -9.36 -21.84 4.36
CA PHE A 438 -10.28 -21.08 5.17
C PHE A 438 -10.69 -21.92 6.38
N ASP A 439 -10.43 -23.23 6.26
CA ASP A 439 -10.80 -24.19 7.30
C ASP A 439 -10.09 -23.93 8.62
N GLU A 440 -10.45 -24.68 9.64
CA GLU A 440 -9.94 -24.44 10.98
C GLU A 440 -8.50 -24.94 11.18
N GLU A 441 -8.10 -25.94 10.41
CA GLU A 441 -6.73 -26.48 10.54
C GLU A 441 -5.71 -25.47 10.01
N PHE A 442 -6.21 -24.37 9.44
CA PHE A 442 -5.39 -23.21 9.09
C PHE A 442 -4.66 -22.66 10.31
N THR A 443 -5.15 -23.02 11.50
CA THR A 443 -4.50 -22.63 12.76
C THR A 443 -3.07 -23.16 12.84
N ALA A 444 -2.91 -24.46 12.60
CA ALA A 444 -1.59 -25.10 12.65
C ALA A 444 -0.71 -24.60 11.51
CAQ G4N B . -5.25 -3.16 -6.83
CBB G4N B . -5.01 -4.43 -6.29
CBD G4N B . -3.81 -4.70 -5.65
CBE G4N B . -2.85 -3.71 -5.53
CAZ G4N B . -3.09 -2.45 -6.07
CBG G4N B . -4.29 -2.18 -6.71
CBH G4N B . -4.54 -0.90 -7.24
CBI G4N B . -4.92 -0.84 -8.58
CBQ G4N B . -5.17 0.39 -9.15
CBR G4N B . -5.54 0.50 -10.49
OBK G4N B . -5.67 -0.50 -11.21
NBN G4N B . -5.80 1.77 -11.03
CBO G4N B . -5.67 2.86 -10.29
CBJ G4N B . -5.31 2.78 -8.96
CBP G4N B . -5.05 1.54 -8.38
NBL G4N B . -4.68 1.46 -7.10
CBM G4N B . -4.43 0.28 -6.50
CBF G4N B . -4.08 0.31 -5.15
CBA G4N B . -4.81 -0.42 -4.22
CAR G4N B . -4.47 -0.42 -2.87
CAX G4N B . -3.00 1.08 -4.71
CAY G4N B . -2.67 1.10 -3.36
CBC G4N B . -3.40 0.35 -2.44
CAW G4N B . -3.08 0.35 -1.09
NAV G4N B . -2.99 1.69 -0.50
CAU G4N B . -4.34 2.25 -0.33
CAT G4N B . -4.30 3.58 0.40
CAO G4N B . -2.35 1.51 0.81
CAP G4N B . -2.23 2.82 1.55
CAS G4N B . -3.63 3.36 1.76
NAN G4N B . -3.60 4.60 2.56
CAM G4N B . -2.97 5.73 2.22
OAL G4N B . -2.33 5.90 1.18
CAK G4N B . -3.10 6.75 3.16
CAJ G4N B . -3.82 6.51 4.31
CAC G4N B . -2.51 7.99 2.94
CAD G4N B . -2.65 8.98 3.90
CAH G4N B . -3.38 8.75 5.06
CAI G4N B . -3.96 7.50 5.26
NAB G4N B . -4.68 7.26 6.36
CAA G4N B . -6.00 7.38 6.22
OAE G4N B . -6.54 7.71 5.18
CAF G4N B . -6.84 7.09 7.46
CAG G4N B . -8.35 7.24 7.25
#